data_4TM8
#
_entry.id   4TM8
#
_cell.length_a   176.310
_cell.length_b   176.310
_cell.length_c   38.290
_cell.angle_alpha   90.000
_cell.angle_beta   90.000
_cell.angle_gamma   90.000
#
_symmetry.space_group_name_H-M   'I 41 2 2'
#
loop_
_entity.id
_entity.type
_entity.pdbx_description
1 polymer 6-phosphogluconolactonase
2 non-polymer 'SULFATE ION'
3 water water
#
_entity_poly.entity_id   1
_entity_poly.type   'polypeptide(L)'
_entity_poly.pdbx_seq_one_letter_code
;ASWSHPQFEKGAMSDTVIERHADTAALVAAAGDRLVDAISSAIGERGQATIVLTGGGTGIGLLKRVRERSGEIDWSKVHI
YWGDERFVPQDDDERNDKQAREALLDHIGIPPVNVHAMAASDGEFGDDLEAAAAGYAQLLSADFDSSVPGFDVHLLGMGG
EGHVNSLFPDTDAVRETERLVVGVSDSPKPPPRRITLTLPAVQNSREVWLVVSGEAKADAVAAAVGGADPVDIPAAGAVG
RERTVWLVDEAAAAKL
;
_entity_poly.pdbx_strand_id   A
#
loop_
_chem_comp.id
_chem_comp.type
_chem_comp.name
_chem_comp.formula
SO4 non-polymer 'SULFATE ION' 'O4 S -2'
#
# COMPACT_ATOMS: atom_id res chain seq x y z
N ALA A 12 22.93 3.52 -7.55
CA ALA A 12 21.94 2.85 -6.70
C ALA A 12 21.94 1.33 -6.92
N MET A 13 21.70 0.59 -5.83
CA MET A 13 21.61 -0.88 -5.86
C MET A 13 20.17 -1.40 -5.66
N SER A 14 19.21 -0.47 -5.54
CA SER A 14 17.79 -0.84 -5.56
C SER A 14 17.29 -0.95 -6.99
N ASP A 15 17.06 -2.19 -7.38
CA ASP A 15 16.65 -2.52 -8.73
C ASP A 15 15.19 -2.21 -8.93
N THR A 16 14.82 -1.93 -10.18
CA THR A 16 13.42 -1.79 -10.57
C THR A 16 13.04 -3.06 -11.33
N VAL A 17 11.99 -3.73 -10.92
CA VAL A 17 11.57 -4.95 -11.59
C VAL A 17 10.24 -4.67 -12.27
N ILE A 18 10.12 -5.01 -13.54
N ILE A 18 10.14 -5.01 -13.56
CA ILE A 18 8.86 -4.82 -14.23
CA ILE A 18 8.90 -4.85 -14.29
C ILE A 18 8.33 -6.17 -14.65
C ILE A 18 8.35 -6.22 -14.64
N GLU A 19 7.15 -6.54 -14.18
CA GLU A 19 6.56 -7.81 -14.57
C GLU A 19 5.24 -7.54 -15.26
N ARG A 20 5.17 -7.91 -16.52
CA ARG A 20 4.01 -7.57 -17.33
C ARG A 20 3.11 -8.76 -17.47
N HIS A 21 1.80 -8.51 -17.45
CA HIS A 21 0.82 -9.56 -17.67
C HIS A 21 -0.17 -9.06 -18.71
N ALA A 22 -0.93 -9.96 -19.34
CA ALA A 22 -1.66 -9.53 -20.52
C ALA A 22 -2.88 -8.63 -20.20
N ASP A 23 -3.50 -8.88 -19.05
CA ASP A 23 -4.66 -8.09 -18.68
C ASP A 23 -4.87 -8.07 -17.18
N THR A 24 -5.96 -7.46 -16.75
CA THR A 24 -6.13 -7.21 -15.32
C THR A 24 -6.27 -8.51 -14.52
N ALA A 25 -7.15 -9.40 -14.99
CA ALA A 25 -7.34 -10.70 -14.36
C ALA A 25 -6.02 -11.46 -14.17
N ALA A 26 -5.22 -11.53 -15.23
CA ALA A 26 -3.91 -12.19 -15.15
C ALA A 26 -3.01 -11.48 -14.16
N LEU A 27 -3.12 -10.16 -14.11
CA LEU A 27 -2.25 -9.34 -13.27
C LEU A 27 -2.55 -9.61 -11.81
N VAL A 28 -3.82 -9.55 -11.48
CA VAL A 28 -4.29 -9.71 -10.10
C VAL A 28 -3.94 -11.10 -9.57
N ALA A 29 -4.13 -12.13 -10.41
CA ALA A 29 -3.81 -13.49 -10.01
C ALA A 29 -2.30 -13.61 -9.75
N ALA A 30 -1.49 -13.02 -10.62
CA ALA A 30 -0.03 -13.09 -10.47
C ALA A 30 0.49 -12.34 -9.24
N ALA A 31 -0.10 -11.18 -8.96
CA ALA A 31 0.33 -10.34 -7.85
C ALA A 31 0.01 -11.05 -6.54
N GLY A 32 -1.15 -11.67 -6.48
CA GLY A 32 -1.57 -12.48 -5.33
C GLY A 32 -0.59 -13.63 -5.08
N ASP A 33 -0.24 -14.35 -6.14
CA ASP A 33 0.71 -15.46 -6.00
C ASP A 33 2.06 -14.94 -5.52
N ARG A 34 2.52 -13.82 -6.08
CA ARG A 34 3.81 -13.24 -5.70
C ARG A 34 3.79 -12.88 -4.20
N LEU A 35 2.66 -12.36 -3.73
CA LEU A 35 2.60 -11.94 -2.35
C LEU A 35 2.65 -13.13 -1.41
N VAL A 36 2.01 -14.24 -1.78
CA VAL A 36 2.05 -15.43 -0.95
C VAL A 36 3.49 -15.91 -0.81
N ASP A 37 4.21 -15.92 -1.92
CA ASP A 37 5.60 -16.35 -1.94
C ASP A 37 6.50 -15.41 -1.13
N ALA A 38 6.22 -14.11 -1.21
CA ALA A 38 6.98 -13.10 -0.47
C ALA A 38 6.78 -13.22 1.06
N ILE A 39 5.55 -13.45 1.47
CA ILE A 39 5.24 -13.61 2.88
C ILE A 39 5.96 -14.86 3.44
N SER A 40 5.96 -15.94 2.66
CA SER A 40 6.57 -17.19 3.11
C SER A 40 8.08 -17.04 3.22
N SER A 41 8.69 -16.39 2.23
CA SER A 41 10.12 -16.10 2.27
C SER A 41 10.53 -15.27 3.48
N ALA A 42 9.78 -14.20 3.72
CA ALA A 42 10.07 -13.31 4.85
C ALA A 42 10.00 -14.10 6.16
N ILE A 43 8.95 -14.91 6.31
CA ILE A 43 8.81 -15.77 7.49
C ILE A 43 9.93 -16.80 7.56
N GLY A 44 10.33 -17.35 6.42
CA GLY A 44 11.37 -18.37 6.38
C GLY A 44 12.73 -17.82 6.72
N GLU A 45 12.90 -16.52 6.52
CA GLU A 45 14.18 -15.86 6.69
C GLU A 45 14.26 -15.15 8.05
N ARG A 46 13.18 -14.47 8.44
CA ARG A 46 13.20 -13.67 9.67
C ARG A 46 12.14 -14.04 10.72
N GLY A 47 11.36 -15.07 10.45
CA GLY A 47 10.40 -15.56 11.44
C GLY A 47 9.10 -14.77 11.50
N GLN A 48 8.96 -13.79 10.62
CA GLN A 48 7.74 -12.98 10.51
C GLN A 48 7.69 -12.26 9.18
N ALA A 49 6.53 -11.66 8.89
CA ALA A 49 6.36 -10.84 7.71
C ALA A 49 5.49 -9.63 8.05
N THR A 50 5.86 -8.48 7.50
N THR A 50 5.88 -8.45 7.56
CA THR A 50 5.10 -7.25 7.69
CA THR A 50 5.07 -7.25 7.72
C THR A 50 4.68 -6.67 6.35
C THR A 50 4.67 -6.67 6.37
N ILE A 51 3.36 -6.61 6.12
CA ILE A 51 2.81 -6.21 4.81
C ILE A 51 1.92 -4.98 4.95
N VAL A 52 2.04 -4.05 4.03
CA VAL A 52 1.15 -2.89 4.00
C VAL A 52 0.17 -3.02 2.85
N LEU A 53 -1.12 -3.02 3.18
CA LEU A 53 -2.18 -3.17 2.17
C LEU A 53 -2.65 -1.86 1.53
N THR A 54 -3.26 -1.96 0.35
CA THR A 54 -3.77 -0.77 -0.34
C THR A 54 -5.27 -0.98 -0.70
N GLY A 55 -5.93 0.07 -1.19
CA GLY A 55 -7.32 -0.06 -1.59
C GLY A 55 -7.38 -0.14 -3.10
N GLY A 56 -8.57 0.06 -3.66
CA GLY A 56 -8.68 0.09 -5.11
C GLY A 56 -8.84 -1.29 -5.70
N GLY A 57 -9.32 -1.36 -6.94
CA GLY A 57 -9.72 -2.61 -7.56
C GLY A 57 -8.66 -3.69 -7.59
N THR A 58 -7.48 -3.39 -8.12
CA THR A 58 -6.43 -4.39 -8.24
C THR A 58 -5.87 -4.76 -6.89
N GLY A 59 -5.82 -3.80 -5.97
CA GLY A 59 -5.22 -4.07 -4.67
C GLY A 59 -6.05 -5.02 -3.81
N ILE A 60 -7.37 -4.91 -3.93
CA ILE A 60 -8.29 -5.78 -3.24
C ILE A 60 -8.39 -7.09 -4.00
N GLY A 61 -8.41 -7.00 -5.33
CA GLY A 61 -8.45 -8.20 -6.15
C GLY A 61 -7.32 -9.19 -5.85
N LEU A 62 -6.09 -8.69 -5.66
CA LEU A 62 -4.97 -9.62 -5.41
C LEU A 62 -5.12 -10.33 -4.05
N LEU A 63 -5.79 -9.68 -3.11
CA LEU A 63 -6.06 -10.28 -1.79
C LEU A 63 -6.98 -11.51 -1.90
N LYS A 64 -7.87 -11.50 -2.89
CA LYS A 64 -8.75 -12.66 -3.07
C LYS A 64 -7.96 -13.85 -3.55
N ARG A 65 -6.91 -13.60 -4.33
CA ARG A 65 -6.04 -14.69 -4.76
C ARG A 65 -5.24 -15.23 -3.57
N VAL A 66 -4.78 -14.33 -2.69
CA VAL A 66 -4.05 -14.74 -1.48
C VAL A 66 -4.90 -15.66 -0.62
N ARG A 67 -6.18 -15.33 -0.45
CA ARG A 67 -7.10 -16.17 0.29
C ARG A 67 -7.15 -17.60 -0.24
N GLU A 68 -7.04 -17.77 -1.56
CA GLU A 68 -7.14 -19.09 -2.16
C GLU A 68 -5.96 -19.97 -1.79
N ARG A 69 -4.85 -19.35 -1.40
CA ARG A 69 -3.64 -20.07 -0.98
C ARG A 69 -3.31 -19.85 0.50
N SER A 70 -4.27 -19.36 1.27
CA SER A 70 -4.00 -18.88 2.63
C SER A 70 -3.48 -20.00 3.54
N GLY A 71 -3.80 -21.24 3.19
CA GLY A 71 -3.39 -22.38 4.00
C GLY A 71 -1.89 -22.59 4.02
N GLU A 72 -1.15 -21.91 3.14
CA GLU A 72 0.28 -22.09 3.02
C GLU A 72 1.07 -21.25 4.02
N ILE A 73 0.36 -20.38 4.74
CA ILE A 73 1.01 -19.34 5.51
C ILE A 73 0.56 -19.46 6.97
N ASP A 74 1.48 -19.24 7.91
CA ASP A 74 1.15 -19.22 9.34
C ASP A 74 0.85 -17.76 9.67
N TRP A 75 -0.43 -17.44 9.83
CA TRP A 75 -0.83 -16.04 9.85
C TRP A 75 -0.52 -15.38 11.18
N SER A 76 -0.25 -16.21 12.20
CA SER A 76 0.18 -15.68 13.49
C SER A 76 1.50 -14.92 13.38
N LYS A 77 2.28 -15.19 12.32
CA LYS A 77 3.56 -14.51 12.07
C LYS A 77 3.47 -13.36 11.05
N VAL A 78 2.24 -12.95 10.73
CA VAL A 78 2.06 -11.88 9.73
C VAL A 78 1.48 -10.64 10.41
N HIS A 79 2.05 -9.48 10.10
CA HIS A 79 1.59 -8.20 10.63
C HIS A 79 1.15 -7.29 9.49
N ILE A 80 -0.04 -6.71 9.65
CA ILE A 80 -0.72 -5.98 8.57
C ILE A 80 -0.93 -4.50 8.90
N TYR A 81 -0.56 -3.63 7.95
CA TYR A 81 -0.78 -2.19 8.06
C TYR A 81 -1.50 -1.73 6.80
N TRP A 82 -1.89 -0.46 6.74
CA TRP A 82 -2.48 0.11 5.52
C TRP A 82 -1.70 1.32 5.09
N GLY A 83 -1.61 1.55 3.78
CA GLY A 83 -0.88 2.71 3.30
C GLY A 83 -1.73 3.98 3.29
N ASP A 84 -3.06 3.83 3.17
CA ASP A 84 -3.96 4.97 3.33
C ASP A 84 -5.36 4.46 3.61
N GLU A 85 -6.22 5.38 4.03
CA GLU A 85 -7.56 5.00 4.45
C GLU A 85 -8.44 6.23 4.31
N ARG A 86 -9.71 6.00 3.99
CA ARG A 86 -10.69 7.05 3.92
C ARG A 86 -11.20 7.34 5.34
N PHE A 87 -11.12 8.60 5.75
CA PHE A 87 -11.54 8.93 7.07
C PHE A 87 -13.06 9.14 7.06
N VAL A 88 -13.78 8.03 7.18
CA VAL A 88 -15.24 7.99 7.06
C VAL A 88 -15.74 6.98 8.09
N PRO A 89 -17.08 6.83 8.24
CA PRO A 89 -17.50 5.86 9.27
C PRO A 89 -17.01 4.42 9.01
N GLN A 90 -16.80 3.66 10.09
CA GLN A 90 -16.18 2.34 10.03
C GLN A 90 -16.86 1.42 9.02
N ASP A 91 -18.19 1.46 8.99
CA ASP A 91 -18.95 0.53 8.17
C ASP A 91 -19.25 1.05 6.76
N ASP A 92 -18.66 2.18 6.38
CA ASP A 92 -18.91 2.75 5.06
C ASP A 92 -18.25 1.87 4.00
N ASP A 93 -18.93 1.66 2.87
CA ASP A 93 -18.36 0.83 1.82
C ASP A 93 -17.06 1.41 1.24
N GLU A 94 -16.80 2.70 1.46
CA GLU A 94 -15.56 3.34 0.96
C GLU A 94 -14.31 3.01 1.79
N ARG A 95 -14.50 2.35 2.93
CA ARG A 95 -13.36 1.96 3.76
C ARG A 95 -12.45 0.93 3.11
N ASN A 96 -11.14 1.19 3.10
CA ASN A 96 -10.19 0.23 2.57
C ASN A 96 -10.11 -1.00 3.48
N ASP A 97 -10.14 -0.79 4.80
CA ASP A 97 -9.95 -1.93 5.69
C ASP A 97 -11.13 -2.90 5.56
N LYS A 98 -12.33 -2.35 5.42
CA LYS A 98 -13.51 -3.18 5.23
C LYS A 98 -13.40 -4.08 3.97
N GLN A 99 -12.93 -3.52 2.87
N GLN A 99 -12.92 -3.52 2.87
CA GLN A 99 -12.80 -4.31 1.64
CA GLN A 99 -12.78 -4.30 1.65
C GLN A 99 -11.75 -5.42 1.80
C GLN A 99 -11.76 -5.42 1.83
N ALA A 100 -10.66 -5.10 2.49
CA ALA A 100 -9.59 -6.07 2.72
C ALA A 100 -10.07 -7.22 3.63
N ARG A 101 -10.91 -6.88 4.60
N ARG A 101 -10.91 -6.87 4.61
CA ARG A 101 -11.45 -7.88 5.52
CA ARG A 101 -11.45 -7.88 5.53
C ARG A 101 -12.35 -8.85 4.80
C ARG A 101 -12.35 -8.85 4.79
N GLU A 102 -13.17 -8.33 3.89
CA GLU A 102 -14.08 -9.18 3.13
C GLU A 102 -13.34 -10.01 2.11
N ALA A 103 -12.36 -9.41 1.46
CA ALA A 103 -11.54 -10.14 0.49
C ALA A 103 -10.70 -11.24 1.12
N LEU A 104 -10.17 -10.98 2.32
CA LEU A 104 -9.14 -11.86 2.88
C LEU A 104 -9.17 -11.96 4.39
N LEU A 105 -9.07 -10.83 5.08
CA LEU A 105 -8.71 -10.86 6.51
C LEU A 105 -9.73 -11.56 7.40
N ASP A 106 -11.01 -11.53 7.04
CA ASP A 106 -12.01 -12.20 7.90
C ASP A 106 -11.92 -13.73 7.80
N HIS A 107 -11.16 -14.21 6.82
CA HIS A 107 -11.18 -15.64 6.46
C HIS A 107 -9.90 -16.38 6.87
N ILE A 108 -9.00 -15.68 7.55
CA ILE A 108 -7.72 -16.27 7.96
C ILE A 108 -7.53 -16.14 9.47
N GLY A 109 -6.77 -17.07 10.05
CA GLY A 109 -6.55 -17.06 11.49
C GLY A 109 -5.43 -16.12 11.91
N ILE A 110 -5.66 -14.82 11.72
CA ILE A 110 -4.67 -13.81 12.08
C ILE A 110 -5.13 -13.09 13.34
N PRO A 111 -4.23 -13.01 14.34
CA PRO A 111 -4.65 -12.40 15.61
C PRO A 111 -4.96 -10.93 15.39
N PRO A 112 -6.09 -10.42 15.92
CA PRO A 112 -6.38 -8.99 15.73
C PRO A 112 -5.27 -8.03 16.17
N VAL A 113 -4.46 -8.39 17.18
CA VAL A 113 -3.34 -7.53 17.59
C VAL A 113 -2.29 -7.38 16.48
N ASN A 114 -2.33 -8.26 15.49
CA ASN A 114 -1.38 -8.22 14.35
C ASN A 114 -1.86 -7.30 13.23
N VAL A 115 -3.12 -6.87 13.29
CA VAL A 115 -3.76 -6.13 12.18
C VAL A 115 -4.02 -4.73 12.66
N HIS A 116 -3.49 -3.77 11.93
CA HIS A 116 -3.44 -2.38 12.40
C HIS A 116 -4.17 -1.46 11.43
N ALA A 117 -5.49 -1.35 11.60
CA ALA A 117 -6.26 -0.52 10.66
C ALA A 117 -6.11 0.95 11.09
N MET A 118 -6.16 1.88 10.14
CA MET A 118 -6.16 3.31 10.46
C MET A 118 -7.54 3.65 11.02
N ALA A 119 -7.64 4.70 11.85
CA ALA A 119 -8.91 5.03 12.49
C ALA A 119 -10.02 5.39 11.49
N ALA A 120 -11.27 5.22 11.93
CA ALA A 120 -12.46 5.72 11.22
C ALA A 120 -12.96 6.97 11.92
N SER A 121 -13.81 7.75 11.24
CA SER A 121 -14.26 9.04 11.79
C SER A 121 -15.25 8.91 12.94
N ASP A 122 -15.75 7.70 13.15
CA ASP A 122 -16.57 7.43 14.33
C ASP A 122 -15.82 6.52 15.30
N GLY A 123 -14.49 6.56 15.21
CA GLY A 123 -13.65 5.66 15.99
C GLY A 123 -13.01 6.29 17.21
N GLU A 124 -11.88 5.71 17.59
CA GLU A 124 -11.11 6.05 18.80
C GLU A 124 -10.83 7.53 19.02
N PHE A 125 -10.76 8.29 17.93
CA PHE A 125 -10.27 9.67 17.94
C PHE A 125 -11.40 10.65 17.65
N GLY A 126 -12.62 10.15 17.49
CA GLY A 126 -13.72 11.03 17.13
C GLY A 126 -13.47 11.54 15.71
N ASP A 127 -13.98 12.72 15.39
CA ASP A 127 -13.80 13.24 14.04
C ASP A 127 -12.51 14.06 13.88
N ASP A 128 -11.49 13.74 14.69
CA ASP A 128 -10.26 14.51 14.69
C ASP A 128 -9.26 13.85 13.73
N LEU A 129 -9.20 14.36 12.50
CA LEU A 129 -8.37 13.76 11.49
C LEU A 129 -6.89 13.84 11.85
N GLU A 130 -6.47 15.01 12.33
CA GLU A 130 -5.06 15.21 12.68
C GLU A 130 -4.63 14.27 13.82
N ALA A 131 -5.47 14.16 14.84
CA ALA A 131 -5.18 13.26 15.96
C ALA A 131 -5.09 11.82 15.48
N ALA A 132 -6.02 11.42 14.62
CA ALA A 132 -6.04 10.07 14.05
C ALA A 132 -4.77 9.72 13.27
N ALA A 133 -4.28 10.66 12.47
CA ALA A 133 -3.05 10.41 11.74
C ALA A 133 -1.85 10.35 12.68
N ALA A 134 -1.85 11.18 13.73
CA ALA A 134 -0.75 11.17 14.69
C ALA A 134 -0.70 9.82 15.42
N GLY A 135 -1.88 9.28 15.74
CA GLY A 135 -1.97 7.99 16.42
C GLY A 135 -1.37 6.87 15.59
N TYR A 136 -1.64 6.89 14.29
CA TYR A 136 -1.07 5.88 13.42
C TYR A 136 0.44 6.08 13.32
N ALA A 137 0.90 7.33 13.29
CA ALA A 137 2.33 7.61 13.22
C ALA A 137 3.05 7.09 14.48
N GLN A 138 2.39 7.17 15.63
N GLN A 138 2.42 7.15 15.64
CA GLN A 138 2.94 6.67 16.88
CA GLN A 138 3.05 6.63 16.85
C GLN A 138 3.09 5.15 16.83
C GLN A 138 3.13 5.11 16.79
N LEU A 139 2.12 4.50 16.19
CA LEU A 139 2.15 3.06 15.98
C LEU A 139 3.33 2.62 15.11
N LEU A 140 3.56 3.33 14.00
CA LEU A 140 4.64 2.97 13.09
C LEU A 140 6.03 3.15 13.72
N SER A 141 6.13 4.13 14.60
CA SER A 141 7.41 4.43 15.22
C SER A 141 7.95 3.24 16.00
N ALA A 142 7.10 2.60 16.80
CA ALA A 142 7.47 1.33 17.44
C ALA A 142 8.00 0.28 16.42
N ASP A 143 7.25 0.01 15.36
CA ASP A 143 7.69 -0.81 14.22
C ASP A 143 9.12 -0.47 13.79
N PHE A 144 9.33 0.74 13.27
CA PHE A 144 10.63 1.13 12.69
C PHE A 144 11.84 1.07 13.62
N ASP A 145 11.59 0.78 14.90
CA ASP A 145 12.66 0.73 15.91
C ASP A 145 12.99 -0.71 16.35
N SER A 146 12.06 -1.63 16.11
CA SER A 146 12.27 -3.06 16.36
C SER A 146 12.82 -3.75 15.10
N SER A 147 12.36 -3.30 13.93
CA SER A 147 12.70 -3.89 12.63
C SER A 147 13.40 -2.91 11.70
N VAL A 148 14.54 -3.33 11.15
CA VAL A 148 15.28 -2.53 10.16
C VAL A 148 15.48 -3.29 8.84
N PRO A 149 14.84 -2.82 7.75
CA PRO A 149 13.92 -1.68 7.72
C PRO A 149 12.52 -2.05 8.25
N GLY A 150 11.54 -1.21 7.92
CA GLY A 150 10.23 -1.36 8.55
C GLY A 150 9.37 -2.48 8.02
N PHE A 151 8.93 -2.29 6.78
CA PHE A 151 8.00 -3.21 6.15
C PHE A 151 8.74 -4.10 5.17
N ASP A 152 8.24 -5.33 4.99
CA ASP A 152 8.79 -6.22 3.99
C ASP A 152 8.23 -5.84 2.64
N VAL A 153 6.91 -5.68 2.55
CA VAL A 153 6.31 -5.28 1.27
C VAL A 153 5.25 -4.22 1.52
N HIS A 154 5.32 -3.10 0.78
CA HIS A 154 4.26 -2.09 0.79
C HIS A 154 3.56 -2.17 -0.58
N LEU A 155 2.30 -2.61 -0.59
CA LEU A 155 1.52 -2.63 -1.86
C LEU A 155 0.99 -1.24 -2.15
N LEU A 156 0.91 -0.88 -3.43
CA LEU A 156 0.31 0.40 -3.81
C LEU A 156 -0.54 0.24 -5.07
N GLY A 157 -1.65 0.96 -5.14
CA GLY A 157 -2.25 1.27 -6.44
C GLY A 157 -1.67 2.60 -6.91
N MET A 158 -1.88 2.97 -8.17
CA MET A 158 -1.46 4.28 -8.62
C MET A 158 -2.55 4.87 -9.51
N GLY A 159 -2.85 6.16 -9.35
CA GLY A 159 -3.77 6.84 -10.26
C GLY A 159 -3.09 7.31 -11.56
N GLY A 160 -3.90 7.75 -12.52
CA GLY A 160 -3.38 8.29 -13.77
C GLY A 160 -2.54 9.55 -13.62
N GLU A 161 -2.69 10.26 -12.51
CA GLU A 161 -1.86 11.44 -12.28
C GLU A 161 -0.67 11.07 -11.37
N GLY A 162 -0.47 9.76 -11.17
CA GLY A 162 0.70 9.29 -10.43
C GLY A 162 0.52 9.24 -8.92
N HIS A 163 -0.67 9.54 -8.40
CA HIS A 163 -0.82 9.53 -6.93
C HIS A 163 -0.73 8.11 -6.37
N VAL A 164 -0.19 7.96 -5.15
CA VAL A 164 -0.13 6.67 -4.46
C VAL A 164 -0.53 6.95 -3.03
N ASN A 165 -1.04 5.93 -2.31
CA ASN A 165 -1.64 6.20 -1.00
C ASN A 165 -2.63 7.36 -1.14
N SER A 166 -2.66 8.34 -0.23
CA SER A 166 -3.39 9.58 -0.56
C SER A 166 -2.45 10.78 -0.77
N LEU A 167 -1.32 10.52 -1.44
CA LEU A 167 -0.31 11.53 -1.73
C LEU A 167 -0.58 12.00 -3.15
N PHE A 168 -1.11 13.21 -3.29
CA PHE A 168 -1.42 13.76 -4.61
C PHE A 168 -0.38 14.77 -5.04
N PRO A 169 -0.29 15.04 -6.35
CA PRO A 169 0.73 15.98 -6.85
C PRO A 169 0.62 17.37 -6.21
N ASP A 170 1.78 18.02 -5.99
CA ASP A 170 1.94 19.34 -5.37
C ASP A 170 1.48 19.51 -3.92
N THR A 171 1.02 18.45 -3.26
CA THR A 171 0.40 18.64 -1.95
C THR A 171 1.42 18.71 -0.82
N ASP A 172 1.02 19.25 0.33
CA ASP A 172 1.89 19.22 1.50
C ASP A 172 2.24 17.79 1.88
N ALA A 173 1.31 16.86 1.66
CA ALA A 173 1.49 15.46 2.05
C ALA A 173 2.64 14.84 1.28
N VAL A 174 2.67 15.05 -0.03
CA VAL A 174 3.75 14.46 -0.83
C VAL A 174 5.09 15.15 -0.56
N ARG A 175 5.04 16.40 -0.08
N ARG A 175 5.05 16.40 -0.07
CA ARG A 175 6.23 17.16 0.26
CA ARG A 175 6.28 17.12 0.25
C ARG A 175 6.77 16.84 1.66
C ARG A 175 6.77 16.85 1.67
N GLU A 176 5.97 16.13 2.45
CA GLU A 176 6.35 15.83 3.84
C GLU A 176 7.62 14.99 3.88
N THR A 177 8.62 15.46 4.63
CA THR A 177 9.90 14.77 4.72
C THR A 177 10.17 14.18 6.11
N GLU A 178 9.31 14.49 7.08
CA GLU A 178 9.56 14.13 8.48
C GLU A 178 8.51 13.17 9.05
N ARG A 179 7.26 13.62 9.10
CA ARG A 179 6.19 12.78 9.65
C ARG A 179 5.98 11.52 8.82
N LEU A 180 5.64 10.41 9.50
CA LEU A 180 5.45 9.14 8.78
C LEU A 180 4.02 9.00 8.25
N VAL A 181 3.10 9.77 8.84
CA VAL A 181 1.68 9.68 8.54
C VAL A 181 1.07 11.08 8.68
N VAL A 182 0.22 11.48 7.74
CA VAL A 182 -0.47 12.76 7.84
C VAL A 182 -1.93 12.63 7.46
N GLY A 183 -2.73 13.59 7.93
CA GLY A 183 -4.10 13.68 7.49
C GLY A 183 -4.16 14.48 6.19
N VAL A 184 -5.06 14.09 5.30
CA VAL A 184 -5.36 14.85 4.09
C VAL A 184 -6.81 15.27 4.22
N SER A 185 -7.05 16.57 4.34
CA SER A 185 -8.42 17.03 4.53
C SER A 185 -9.06 17.49 3.23
N ASP A 186 -8.31 17.44 2.13
CA ASP A 186 -8.78 18.05 0.88
C ASP A 186 -8.41 17.27 -0.39
N SER A 187 -8.60 15.96 -0.37
CA SER A 187 -8.35 15.16 -1.55
C SER A 187 -9.22 15.63 -2.71
N PRO A 188 -8.64 15.75 -3.91
CA PRO A 188 -9.44 16.09 -5.10
C PRO A 188 -10.33 14.94 -5.57
N LYS A 189 -10.08 13.72 -5.08
CA LYS A 189 -10.98 12.60 -5.28
C LYS A 189 -11.74 12.27 -3.99
N PRO A 190 -13.05 11.99 -4.11
CA PRO A 190 -13.88 11.71 -2.93
C PRO A 190 -13.57 10.34 -2.33
N PRO A 191 -13.70 10.20 -1.01
CA PRO A 191 -14.12 11.25 -0.08
C PRO A 191 -12.92 12.16 0.25
N PRO A 192 -13.18 13.41 0.69
CA PRO A 192 -12.11 14.42 0.82
C PRO A 192 -11.09 14.14 1.94
N ARG A 193 -11.52 13.45 2.99
CA ARG A 193 -10.63 13.20 4.14
C ARG A 193 -10.01 11.81 4.18
N ARG A 194 -8.69 11.78 4.18
CA ARG A 194 -7.94 10.53 4.22
C ARG A 194 -6.79 10.59 5.24
N ILE A 195 -6.36 9.42 5.69
CA ILE A 195 -5.14 9.28 6.48
C ILE A 195 -4.15 8.57 5.57
N THR A 196 -2.90 9.03 5.53
CA THR A 196 -1.96 8.47 4.54
C THR A 196 -0.53 8.38 5.08
N LEU A 197 0.15 7.28 4.75
CA LEU A 197 1.59 7.19 4.94
C LEU A 197 2.21 8.17 3.97
N THR A 198 3.34 8.75 4.37
CA THR A 198 4.10 9.65 3.52
C THR A 198 5.25 8.92 2.84
N LEU A 199 5.95 9.59 1.94
CA LEU A 199 7.05 8.91 1.25
C LEU A 199 8.16 8.35 2.16
N PRO A 200 8.54 9.07 3.25
CA PRO A 200 9.53 8.46 4.13
C PRO A 200 9.06 7.10 4.70
N ALA A 201 7.76 6.91 4.90
CA ALA A 201 7.31 5.63 5.46
C ALA A 201 7.36 4.57 4.35
N VAL A 202 6.85 4.94 3.17
CA VAL A 202 6.84 4.04 2.01
C VAL A 202 8.28 3.60 1.74
N GLN A 203 9.21 4.55 1.77
CA GLN A 203 10.62 4.25 1.45
C GLN A 203 11.36 3.32 2.44
N ASN A 204 10.80 3.11 3.63
CA ASN A 204 11.42 2.22 4.62
C ASN A 204 10.85 0.80 4.48
N SER A 205 10.55 0.40 3.25
CA SER A 205 10.14 -0.97 3.01
C SER A 205 11.24 -1.66 2.24
N ARG A 206 11.38 -2.96 2.47
CA ARG A 206 12.33 -3.75 1.70
C ARG A 206 11.91 -3.68 0.25
N GLU A 207 10.62 -3.86 0.01
CA GLU A 207 10.10 -3.80 -1.36
C GLU A 207 8.84 -2.98 -1.41
N VAL A 208 8.68 -2.24 -2.50
CA VAL A 208 7.45 -1.50 -2.76
C VAL A 208 6.90 -2.08 -4.06
N TRP A 209 5.64 -2.49 -4.07
CA TRP A 209 5.07 -3.11 -5.26
C TRP A 209 3.91 -2.25 -5.74
N LEU A 210 3.98 -1.78 -6.98
CA LEU A 210 2.86 -0.99 -7.52
C LEU A 210 2.16 -1.89 -8.53
N VAL A 211 0.88 -2.16 -8.29
CA VAL A 211 0.12 -3.06 -9.12
C VAL A 211 -0.84 -2.18 -9.91
N VAL A 212 -0.66 -2.13 -11.23
CA VAL A 212 -1.27 -1.06 -12.02
C VAL A 212 -1.78 -1.59 -13.36
N SER A 213 -3.04 -1.28 -13.66
N SER A 213 -3.04 -1.32 -13.68
CA SER A 213 -3.68 -1.77 -14.87
CA SER A 213 -3.55 -1.77 -14.96
C SER A 213 -4.33 -0.64 -15.65
C SER A 213 -4.29 -0.66 -15.66
N GLY A 214 -4.29 -0.73 -16.99
CA GLY A 214 -5.07 0.17 -17.82
C GLY A 214 -4.30 1.25 -18.57
N GLU A 215 -4.83 1.60 -19.74
CA GLU A 215 -4.21 2.59 -20.63
C GLU A 215 -4.06 3.95 -19.97
N ALA A 216 -5.03 4.33 -19.12
CA ALA A 216 -4.99 5.64 -18.44
C ALA A 216 -3.82 5.83 -17.52
N LYS A 217 -3.15 4.75 -17.13
CA LYS A 217 -2.04 4.80 -16.20
C LYS A 217 -0.69 4.77 -16.92
N ALA A 218 -0.68 4.65 -18.25
CA ALA A 218 0.58 4.39 -18.96
C ALA A 218 1.59 5.54 -18.86
N ASP A 219 1.09 6.78 -18.97
CA ASP A 219 1.99 7.94 -18.86
C ASP A 219 2.64 8.03 -17.49
N ALA A 220 1.86 7.84 -16.43
CA ALA A 220 2.39 7.89 -15.07
C ALA A 220 3.37 6.75 -14.78
N VAL A 221 3.06 5.54 -15.28
CA VAL A 221 4.01 4.43 -15.13
C VAL A 221 5.34 4.81 -15.75
N ALA A 222 5.31 5.30 -16.98
CA ALA A 222 6.57 5.61 -17.63
C ALA A 222 7.31 6.76 -16.93
N ALA A 223 6.58 7.77 -16.45
CA ALA A 223 7.25 8.87 -15.76
C ALA A 223 7.88 8.37 -14.45
N ALA A 224 7.16 7.50 -13.75
CA ALA A 224 7.62 7.08 -12.43
C ALA A 224 8.79 6.12 -12.59
N VAL A 225 8.72 5.18 -13.53
CA VAL A 225 9.87 4.30 -13.76
C VAL A 225 11.08 5.11 -14.19
N GLY A 226 10.83 6.18 -14.93
CA GLY A 226 11.92 6.98 -15.46
C GLY A 226 12.55 7.92 -14.44
N GLY A 227 11.96 8.05 -13.27
CA GLY A 227 12.56 8.84 -12.18
C GLY A 227 12.20 10.33 -12.09
N ALA A 228 10.94 10.66 -12.25
CA ALA A 228 10.46 12.06 -12.13
C ALA A 228 10.52 12.61 -10.70
N ASP A 229 10.29 13.92 -10.56
CA ASP A 229 10.22 14.58 -9.25
C ASP A 229 8.94 14.08 -8.57
N PRO A 230 9.02 13.50 -7.35
CA PRO A 230 7.80 12.93 -6.76
C PRO A 230 6.72 13.98 -6.48
N VAL A 231 7.12 15.25 -6.32
CA VAL A 231 6.12 16.28 -6.12
C VAL A 231 5.15 16.37 -7.32
N ASP A 232 5.65 16.07 -8.51
CA ASP A 232 4.86 16.08 -9.75
C ASP A 232 4.17 14.73 -9.99
N ILE A 233 4.91 13.65 -9.75
CA ILE A 233 4.38 12.29 -9.91
C ILE A 233 4.72 11.50 -8.66
N PRO A 234 3.80 11.46 -7.70
CA PRO A 234 4.07 10.84 -6.39
C PRO A 234 4.67 9.44 -6.48
N ALA A 235 4.23 8.63 -7.46
CA ALA A 235 4.71 7.25 -7.57
C ALA A 235 6.22 7.16 -7.80
N ALA A 236 6.80 8.24 -8.36
CA ALA A 236 8.23 8.24 -8.61
C ALA A 236 9.05 8.16 -7.31
N GLY A 237 8.45 8.56 -6.19
CA GLY A 237 9.13 8.45 -4.91
C GLY A 237 8.78 7.17 -4.14
N ALA A 238 7.94 6.33 -4.74
CA ALA A 238 7.54 5.08 -4.05
C ALA A 238 8.55 3.99 -4.39
N VAL A 239 9.69 4.01 -3.72
CA VAL A 239 10.78 3.10 -4.06
C VAL A 239 11.24 2.29 -2.86
N GLY A 240 11.44 0.99 -3.06
CA GLY A 240 11.87 0.12 -1.97
C GLY A 240 13.36 0.16 -1.76
N ARG A 241 13.79 -0.23 -0.57
CA ARG A 241 15.21 -0.25 -0.26
C ARG A 241 15.95 -1.36 -1.01
N GLU A 242 15.28 -2.48 -1.28
CA GLU A 242 15.92 -3.60 -1.98
C GLU A 242 15.47 -3.64 -3.43
N ARG A 243 14.18 -3.41 -3.66
CA ARG A 243 13.67 -3.32 -5.04
C ARG A 243 12.32 -2.65 -5.09
N THR A 244 11.95 -2.18 -6.26
CA THR A 244 10.64 -1.59 -6.47
C THR A 244 10.10 -2.46 -7.60
N VAL A 245 8.91 -3.04 -7.40
CA VAL A 245 8.34 -3.96 -8.38
C VAL A 245 7.09 -3.35 -9.00
N TRP A 246 7.11 -3.23 -10.32
CA TRP A 246 5.95 -2.80 -11.09
C TRP A 246 5.27 -4.01 -11.67
N LEU A 247 4.10 -4.36 -11.11
CA LEU A 247 3.28 -5.44 -11.64
C LEU A 247 2.21 -4.76 -12.48
N VAL A 248 2.34 -4.86 -13.80
CA VAL A 248 1.55 -4.03 -14.73
C VAL A 248 0.91 -4.89 -15.76
N ASP A 249 -0.20 -4.43 -16.32
CA ASP A 249 -0.72 -5.11 -17.51
C ASP A 249 -0.15 -4.46 -18.79
N GLU A 250 -0.41 -5.03 -19.96
CA GLU A 250 0.19 -4.49 -21.18
C GLU A 250 -0.23 -3.05 -21.45
N ALA A 251 -1.50 -2.73 -21.21
CA ALA A 251 -1.98 -1.35 -21.39
C ALA A 251 -1.24 -0.33 -20.53
N ALA A 252 -1.07 -0.63 -19.24
CA ALA A 252 -0.34 0.26 -18.35
C ALA A 252 1.15 0.36 -18.67
N ALA A 253 1.66 -0.64 -19.37
CA ALA A 253 3.08 -0.65 -19.78
C ALA A 253 3.36 -0.03 -21.15
N ALA A 254 2.33 0.50 -21.81
CA ALA A 254 2.43 0.89 -23.23
C ALA A 254 3.39 2.05 -23.54
N LYS A 255 3.82 2.80 -22.53
CA LYS A 255 4.71 3.96 -22.81
C LYS A 255 6.14 3.66 -22.37
N LEU A 256 6.38 2.46 -21.82
CA LEU A 256 7.74 2.02 -21.53
C LEU A 256 8.57 1.73 -22.77
S SO4 B . -8.33 6.94 -4.72
O1 SO4 B . -7.82 6.82 -6.10
O2 SO4 B . -7.28 7.49 -3.86
O3 SO4 B . -8.64 5.61 -4.23
O4 SO4 B . -9.47 7.85 -4.78
#